data_4RH6
#
_entry.id   4RH6
#
_cell.length_a   42.427
_cell.length_b   90.623
_cell.length_c   159.711
_cell.angle_alpha   90.00
_cell.angle_beta   90.00
_cell.angle_gamma   90.00
#
_symmetry.space_group_name_H-M   'P 21 21 21'
#
loop_
_entity.id
_entity.type
_entity.pdbx_description
1 polymer 'Exotoxin 3, putative'
2 non-polymer 'CHLORIDE ION'
3 water water
#
_entity_poly.entity_id   1
_entity_poly.type   'polypeptide(L)'
_entity_poly.pdbx_seq_one_letter_code
;MGSSHHHHHHENLYFQGEVKQQSESELKHYYNKPILERKNVTGFKYTDEGKHYLEVTVGQQHSRITLLGSDKDKFKDGEN
SNIDVFILREGDSRQATNYSIGGVTKSNSVQYIDYINTPILEIKKDNEDVLKDFYYISKEDISLKELDYRLRERAIKQHG
LYSNGLKQGQITITMNDGTTHTIDLSQKLEKERMGESIDGTKINKILVEMK
;
_entity_poly.pdbx_strand_id   A,B,C
#
loop_
_chem_comp.id
_chem_comp.type
_chem_comp.name
_chem_comp.formula
CL non-polymer 'CHLORIDE ION' 'Cl -1'
#
# COMPACT_ATOMS: atom_id res chain seq x y z
N SER A 23 -29.87 -20.61 -13.86
CA SER A 23 -30.60 -19.71 -14.79
C SER A 23 -29.84 -19.54 -16.09
N GLU A 24 -30.55 -19.45 -17.21
CA GLU A 24 -29.94 -19.31 -18.54
C GLU A 24 -29.08 -18.01 -18.69
N SER A 25 -29.69 -16.85 -18.48
CA SER A 25 -28.95 -15.57 -18.62
C SER A 25 -27.86 -15.38 -17.56
N GLU A 26 -28.07 -15.92 -16.35
CA GLU A 26 -27.07 -15.78 -15.27
C GLU A 26 -25.88 -16.72 -15.55
N LEU A 27 -26.14 -17.79 -16.29
CA LEU A 27 -25.10 -18.75 -16.62
C LEU A 27 -24.37 -18.28 -17.88
N LYS A 28 -25.12 -17.78 -18.85
CA LYS A 28 -24.55 -17.25 -20.08
C LYS A 28 -23.70 -16.02 -19.74
N HIS A 29 -24.12 -15.32 -18.70
CA HIS A 29 -23.41 -14.13 -18.24
C HIS A 29 -22.04 -14.50 -17.70
N TYR A 30 -22.01 -15.49 -16.82
CA TYR A 30 -20.78 -15.94 -16.18
C TYR A 30 -19.73 -16.39 -17.18
N TYR A 31 -20.12 -17.27 -18.08
CA TYR A 31 -19.19 -17.79 -19.07
C TYR A 31 -18.86 -16.82 -20.22
N ASN A 32 -19.47 -15.63 -20.23
CA ASN A 32 -19.13 -14.62 -21.24
C ASN A 32 -18.19 -13.59 -20.65
N LYS A 33 -17.82 -13.79 -19.39
CA LYS A 33 -16.89 -12.88 -18.74
C LYS A 33 -15.51 -13.04 -19.37
N PRO A 34 -14.76 -11.93 -19.45
CA PRO A 34 -13.42 -11.99 -20.03
C PRO A 34 -12.47 -12.75 -19.12
N ILE A 35 -11.39 -13.25 -19.71
CA ILE A 35 -10.40 -14.04 -19.00
C ILE A 35 -9.03 -13.40 -19.02
N LEU A 36 -8.33 -13.46 -17.89
CA LEU A 36 -6.98 -12.99 -17.84
C LEU A 36 -6.17 -14.28 -17.76
N GLU A 37 -5.49 -14.63 -18.85
CA GLU A 37 -4.66 -15.84 -18.83
C GLU A 37 -3.23 -15.47 -19.16
N ARG A 38 -2.34 -15.78 -18.24
CA ARG A 38 -0.92 -15.52 -18.41
C ARG A 38 -0.13 -16.71 -17.92
N LYS A 39 0.98 -16.96 -18.60
CA LYS A 39 1.84 -18.10 -18.31
C LYS A 39 3.24 -17.65 -17.90
N ASN A 40 3.96 -18.55 -17.23
CA ASN A 40 5.32 -18.25 -16.79
C ASN A 40 5.39 -17.00 -15.93
N VAL A 41 4.53 -16.94 -14.94
CA VAL A 41 4.49 -15.81 -14.03
C VAL A 41 4.92 -16.26 -12.64
N THR A 42 4.93 -15.31 -11.71
CA THR A 42 5.30 -15.54 -10.32
C THR A 42 4.15 -15.12 -9.41
N GLY A 43 3.81 -15.99 -8.45
CA GLY A 43 2.72 -15.72 -7.50
C GLY A 43 3.17 -15.95 -6.08
N PHE A 44 2.62 -15.16 -5.15
CA PHE A 44 2.97 -15.28 -3.73
C PHE A 44 1.84 -15.91 -2.93
N LYS A 45 2.09 -17.09 -2.37
CA LYS A 45 1.07 -17.78 -1.58
C LYS A 45 1.19 -17.44 -0.10
N TYR A 46 0.03 -17.29 0.56
CA TYR A 46 -0.02 -16.98 1.98
C TYR A 46 -1.34 -17.41 2.61
N THR A 47 -1.43 -17.26 3.93
CA THR A 47 -2.63 -17.61 4.66
C THR A 47 -3.17 -16.39 5.41
N ASP A 48 -4.49 -16.27 5.47
CA ASP A 48 -5.17 -15.19 6.13
C ASP A 48 -6.46 -15.75 6.72
N GLU A 49 -6.50 -16.02 8.01
CA GLU A 49 -7.76 -16.48 8.64
C GLU A 49 -8.30 -17.85 8.17
N GLY A 50 -7.45 -18.86 7.97
CA GLY A 50 -7.88 -20.20 7.51
C GLY A 50 -8.06 -20.30 6.00
N LYS A 51 -8.02 -19.14 5.37
CA LYS A 51 -8.18 -19.00 3.94
C LYS A 51 -6.78 -19.00 3.36
N HIS A 52 -6.60 -19.64 2.21
CA HIS A 52 -5.31 -19.70 1.55
C HIS A 52 -5.42 -18.95 0.23
N TYR A 53 -4.54 -17.98 0.00
CA TYR A 53 -4.59 -17.20 -1.24
C TYR A 53 -3.27 -17.19 -1.98
N LEU A 54 -3.35 -16.74 -3.24
CA LEU A 54 -2.18 -16.61 -4.06
C LEU A 54 -2.32 -15.27 -4.76
N GLU A 55 -1.38 -14.36 -4.49
CA GLU A 55 -1.42 -13.05 -5.11
C GLU A 55 -0.62 -13.09 -6.40
N VAL A 56 -1.15 -12.46 -7.45
CA VAL A 56 -0.48 -12.42 -8.75
C VAL A 56 -0.65 -11.06 -9.38
N THR A 57 0.47 -10.44 -9.71
CA THR A 57 0.41 -9.11 -10.30
C THR A 57 1.17 -9.18 -11.63
N VAL A 58 0.43 -9.12 -12.73
CA VAL A 58 1.03 -9.18 -14.07
C VAL A 58 0.69 -7.91 -14.85
N GLY A 59 1.73 -7.14 -15.16
CA GLY A 59 1.52 -5.88 -15.84
C GLY A 59 0.91 -4.99 -14.79
N GLN A 60 -0.23 -4.40 -15.09
CA GLN A 60 -0.88 -3.53 -14.12
C GLN A 60 -2.06 -4.21 -13.39
N GLN A 61 -2.59 -5.32 -13.92
CA GLN A 61 -3.70 -6.02 -13.27
C GLN A 61 -3.28 -6.81 -12.04
N HIS A 62 -3.80 -6.41 -10.90
CA HIS A 62 -3.51 -7.06 -9.65
C HIS A 62 -4.60 -8.11 -9.44
N SER A 63 -4.25 -9.28 -8.90
CA SER A 63 -5.25 -10.35 -8.72
C SER A 63 -4.99 -11.23 -7.50
N ARG A 64 -6.08 -11.67 -6.86
CA ARG A 64 -5.97 -12.55 -5.70
C ARG A 64 -6.76 -13.82 -6.00
N ILE A 65 -6.07 -14.96 -6.04
CA ILE A 65 -6.70 -16.24 -6.35
C ILE A 65 -6.99 -17.01 -5.07
N THR A 66 -8.21 -17.53 -4.96
CA THR A 66 -8.59 -18.29 -3.79
C THR A 66 -8.25 -19.78 -3.96
N LEU A 67 -7.51 -20.31 -3.00
CA LEU A 67 -7.09 -21.71 -3.01
C LEU A 67 -7.98 -22.53 -2.08
N LEU A 68 -8.55 -23.60 -2.63
CA LEU A 68 -9.44 -24.48 -1.90
C LEU A 68 -9.00 -25.94 -2.03
N GLY A 69 -9.79 -26.82 -1.44
CA GLY A 69 -9.57 -28.26 -1.45
C GLY A 69 -8.20 -28.72 -1.90
N SER A 70 -8.10 -28.88 -3.22
CA SER A 70 -6.93 -29.46 -3.85
C SER A 70 -5.78 -28.53 -4.12
N ASP A 71 -6.06 -27.50 -4.89
CA ASP A 71 -4.98 -26.63 -5.28
C ASP A 71 -4.16 -26.04 -4.12
N LYS A 72 -4.74 -25.84 -2.91
CA LYS A 72 -3.98 -25.23 -1.79
C LYS A 72 -2.66 -25.90 -1.37
N ASP A 73 -2.59 -27.23 -1.41
CA ASP A 73 -1.38 -27.94 -0.99
C ASP A 73 -0.37 -28.14 -2.10
N LYS A 74 -0.86 -28.06 -3.33
CA LYS A 74 -0.01 -28.26 -4.49
C LYS A 74 1.12 -27.24 -4.56
N PHE A 75 0.86 -26.02 -4.12
CA PHE A 75 1.85 -24.97 -4.13
C PHE A 75 2.28 -24.61 -2.71
N LYS A 76 3.55 -24.29 -2.56
CA LYS A 76 4.15 -23.93 -1.29
C LYS A 76 3.98 -22.47 -0.93
N ASP A 77 3.98 -22.18 0.36
CA ASP A 77 3.88 -20.81 0.84
C ASP A 77 5.09 -20.01 0.39
N GLY A 78 4.87 -18.72 0.16
CA GLY A 78 5.93 -17.83 -0.29
C GLY A 78 5.91 -17.72 -1.79
N GLU A 79 7.03 -17.29 -2.35
N GLU A 79 7.03 -17.29 -2.35
CA GLU A 79 7.16 -17.12 -3.80
CA GLU A 79 7.17 -17.11 -3.78
C GLU A 79 7.07 -18.44 -4.52
C GLU A 79 7.09 -18.44 -4.52
N ASN A 80 6.33 -18.44 -5.62
CA ASN A 80 6.17 -19.60 -6.48
C ASN A 80 6.44 -19.07 -7.87
N SER A 81 7.46 -19.60 -8.52
CA SER A 81 7.80 -19.19 -9.85
C SER A 81 7.29 -20.26 -10.81
N ASN A 82 7.39 -19.97 -12.11
CA ASN A 82 6.96 -20.91 -13.14
C ASN A 82 5.59 -21.54 -12.91
N ILE A 83 4.57 -20.68 -12.90
CA ILE A 83 3.18 -21.10 -12.78
C ILE A 83 2.37 -20.38 -13.84
N ASP A 84 1.27 -21.02 -14.24
CA ASP A 84 0.38 -20.45 -15.22
C ASP A 84 -0.92 -20.12 -14.54
N VAL A 85 -1.58 -19.08 -15.05
CA VAL A 85 -2.77 -18.53 -14.45
C VAL A 85 -3.94 -18.34 -15.39
N PHE A 86 -5.15 -18.72 -14.94
CA PHE A 86 -6.39 -18.59 -15.72
C PHE A 86 -7.37 -17.89 -14.78
N ILE A 87 -7.45 -16.57 -14.91
CA ILE A 87 -8.28 -15.72 -14.03
C ILE A 87 -9.63 -15.27 -14.54
N LEU A 88 -10.64 -15.45 -13.68
CA LEU A 88 -12.02 -15.07 -13.97
C LEU A 88 -12.60 -14.43 -12.70
N ARG A 89 -13.06 -13.19 -12.83
CA ARG A 89 -13.64 -12.42 -11.73
C ARG A 89 -14.96 -13.02 -11.29
N GLU A 90 -15.05 -13.49 -10.06
CA GLU A 90 -16.29 -14.10 -9.58
C GLU A 90 -17.49 -13.16 -9.44
N GLY A 91 -17.37 -12.12 -8.62
CA GLY A 91 -18.49 -11.22 -8.41
C GLY A 91 -18.66 -10.25 -9.57
N ASP A 92 -19.66 -9.37 -9.46
CA ASP A 92 -19.93 -8.34 -10.48
C ASP A 92 -19.52 -6.94 -10.00
N SER A 93 -18.88 -6.86 -8.83
CA SER A 93 -18.42 -5.60 -8.28
C SER A 93 -17.29 -5.08 -9.19
N ARG A 94 -17.27 -3.77 -9.41
CA ARG A 94 -16.32 -3.17 -10.37
C ARG A 94 -15.00 -2.63 -9.79
N GLN A 95 -14.51 -3.25 -8.71
CA GLN A 95 -13.24 -2.84 -8.10
C GLN A 95 -12.11 -3.27 -9.04
N ALA A 96 -10.94 -2.64 -8.90
CA ALA A 96 -9.80 -2.90 -9.79
C ALA A 96 -9.21 -4.31 -9.71
N THR A 97 -8.96 -4.79 -8.50
CA THR A 97 -8.38 -6.11 -8.29
C THR A 97 -9.34 -7.23 -8.70
N ASN A 98 -8.74 -8.30 -9.23
CA ASN A 98 -9.48 -9.46 -9.67
C ASN A 98 -9.48 -10.53 -8.58
N TYR A 99 -10.68 -11.01 -8.25
CA TYR A 99 -10.84 -12.07 -7.26
C TYR A 99 -11.37 -13.28 -8.00
N SER A 100 -10.48 -14.27 -8.18
CA SER A 100 -10.78 -15.50 -8.91
C SER A 100 -10.57 -16.70 -8.02
N ILE A 101 -11.06 -17.85 -8.45
CA ILE A 101 -10.92 -19.09 -7.70
C ILE A 101 -10.24 -20.11 -8.60
N GLY A 102 -9.26 -20.83 -8.06
CA GLY A 102 -8.51 -21.85 -8.80
C GLY A 102 -7.81 -21.36 -10.07
N GLY A 103 -7.72 -22.24 -11.05
CA GLY A 103 -7.12 -21.91 -12.34
C GLY A 103 -5.62 -21.71 -12.30
N VAL A 104 -4.97 -22.29 -11.30
CA VAL A 104 -3.50 -22.15 -11.18
C VAL A 104 -2.87 -23.53 -11.38
N THR A 105 -1.88 -23.56 -12.28
CA THR A 105 -1.19 -24.77 -12.64
C THR A 105 0.30 -24.51 -12.77
N LYS A 106 1.06 -25.56 -13.04
CA LYS A 106 2.48 -25.41 -13.20
C LYS A 106 2.75 -25.28 -14.67
N SER A 107 3.56 -24.29 -15.03
CA SER A 107 3.90 -24.13 -16.44
C SER A 107 4.67 -25.36 -16.92
N ASN A 108 4.73 -25.49 -18.22
CA ASN A 108 5.40 -26.61 -18.83
C ASN A 108 6.86 -26.67 -18.42
N SER A 109 7.33 -27.90 -18.22
CA SER A 109 8.71 -28.18 -17.85
C SER A 109 9.71 -27.97 -18.98
N VAL A 110 9.22 -27.98 -20.21
CA VAL A 110 10.08 -27.70 -21.35
C VAL A 110 9.36 -26.78 -22.30
N GLN A 111 10.10 -26.26 -23.27
N GLN A 111 10.09 -26.22 -23.26
CA GLN A 111 9.54 -25.37 -24.29
CA GLN A 111 9.50 -25.32 -24.25
C GLN A 111 9.07 -26.16 -25.50
C GLN A 111 9.08 -26.08 -25.51
N TYR A 112 7.78 -26.05 -25.82
CA TYR A 112 7.23 -26.70 -27.00
C TYR A 112 6.86 -25.62 -28.00
N ILE A 113 7.32 -25.78 -29.24
CA ILE A 113 7.04 -24.80 -30.29
C ILE A 113 5.74 -25.15 -31.02
N ASP A 114 5.21 -26.35 -30.74
CA ASP A 114 3.97 -26.85 -31.33
C ASP A 114 3.06 -27.29 -30.24
N TYR A 115 1.81 -27.64 -30.57
CA TYR A 115 0.89 -28.10 -29.56
C TYR A 115 1.36 -29.45 -29.08
N ILE A 116 1.11 -29.75 -27.81
CA ILE A 116 1.55 -31.00 -27.22
C ILE A 116 0.64 -32.16 -27.58
N ASN A 117 -0.66 -31.91 -27.57
CA ASN A 117 -1.66 -32.93 -27.80
C ASN A 117 -2.85 -32.27 -28.50
N THR A 118 -3.48 -32.96 -29.44
CA THR A 118 -4.64 -32.41 -30.13
C THR A 118 -5.73 -33.49 -30.14
N PRO A 119 -6.30 -33.78 -28.97
CA PRO A 119 -7.35 -34.78 -28.89
C PRO A 119 -8.59 -34.42 -29.69
N ILE A 120 -9.39 -35.43 -30.01
CA ILE A 120 -10.63 -35.25 -30.77
C ILE A 120 -11.68 -34.54 -29.91
N LEU A 121 -12.47 -33.68 -30.55
CA LEU A 121 -13.53 -32.93 -29.88
C LEU A 121 -14.85 -33.12 -30.61
N GLU A 122 -15.80 -33.80 -29.97
CA GLU A 122 -17.15 -33.99 -30.54
C GLU A 122 -18.11 -33.05 -29.83
N ILE A 123 -18.95 -32.38 -30.59
CA ILE A 123 -19.98 -31.50 -30.06
C ILE A 123 -21.31 -32.02 -30.56
N LYS A 124 -22.01 -32.75 -29.69
CA LYS A 124 -23.32 -33.31 -30.05
C LYS A 124 -24.47 -32.50 -29.50
N LYS A 125 -25.29 -31.93 -30.38
CA LYS A 125 -26.46 -31.17 -29.96
C LYS A 125 -27.69 -32.10 -29.99
N ASP A 126 -27.50 -33.32 -29.50
CA ASP A 126 -28.55 -34.33 -29.54
C ASP A 126 -29.62 -34.08 -28.47
N ASP A 129 -26.57 -35.90 -35.16
CA ASP A 129 -26.33 -34.48 -34.90
C ASP A 129 -24.98 -34.28 -34.19
N VAL A 130 -23.92 -34.49 -34.96
CA VAL A 130 -22.51 -34.44 -34.51
C VAL A 130 -21.56 -33.55 -35.35
N LEU A 131 -20.63 -32.84 -34.69
CA LEU A 131 -19.61 -32.05 -35.39
C LEU A 131 -18.16 -32.40 -34.94
N LYS A 132 -17.33 -32.85 -35.89
CA LYS A 132 -15.95 -33.24 -35.62
C LYS A 132 -14.97 -32.06 -35.60
N ASP A 133 -13.95 -32.15 -34.75
CA ASP A 133 -12.89 -31.14 -34.60
C ASP A 133 -11.92 -31.59 -33.49
N PHE A 134 -10.95 -30.75 -33.14
CA PHE A 134 -9.99 -31.08 -32.09
C PHE A 134 -9.89 -29.95 -31.06
N TYR A 135 -9.38 -30.29 -29.88
CA TYR A 135 -9.12 -29.33 -28.81
C TYR A 135 -7.60 -29.24 -28.79
N TYR A 136 -7.06 -28.03 -28.79
CA TYR A 136 -5.60 -27.85 -28.88
C TYR A 136 -4.93 -27.60 -27.55
N ILE A 137 -4.18 -28.61 -27.09
CA ILE A 137 -3.48 -28.59 -25.82
C ILE A 137 -2.06 -28.04 -25.93
N SER A 138 -1.83 -27.02 -25.14
CA SER A 138 -0.57 -26.31 -25.10
C SER A 138 0.01 -26.34 -23.69
N LYS A 139 -0.54 -27.22 -22.85
CA LYS A 139 -0.18 -27.30 -21.45
C LYS A 139 -0.08 -28.71 -20.86
N GLU A 140 1.00 -28.98 -20.14
CA GLU A 140 1.21 -30.28 -19.51
C GLU A 140 0.22 -30.47 -18.36
N ASP A 141 0.04 -29.40 -17.61
CA ASP A 141 -0.84 -29.38 -16.44
C ASP A 141 -1.97 -28.37 -16.73
N ILE A 142 -3.19 -28.87 -16.92
CA ILE A 142 -4.33 -28.00 -17.23
C ILE A 142 -5.39 -28.12 -16.18
N SER A 143 -5.91 -26.97 -15.77
CA SER A 143 -6.96 -26.91 -14.76
C SER A 143 -8.34 -27.15 -15.35
N LEU A 144 -9.21 -27.80 -14.58
CA LEU A 144 -10.58 -28.03 -15.02
C LEU A 144 -11.26 -26.70 -15.34
N LYS A 145 -10.91 -25.67 -14.57
CA LYS A 145 -11.47 -24.34 -14.79
C LYS A 145 -11.29 -23.88 -16.24
N GLU A 146 -10.11 -24.13 -16.82
CA GLU A 146 -9.83 -23.73 -18.20
C GLU A 146 -10.62 -24.54 -19.20
N LEU A 147 -10.56 -25.86 -19.06
CA LEU A 147 -11.30 -26.73 -19.96
C LEU A 147 -12.77 -26.36 -19.90
N ASP A 148 -13.35 -26.39 -18.71
CA ASP A 148 -14.74 -26.02 -18.50
C ASP A 148 -15.12 -24.73 -19.22
N TYR A 149 -14.32 -23.70 -19.00
CA TYR A 149 -14.60 -22.42 -19.62
C TYR A 149 -14.44 -22.43 -21.14
N ARG A 150 -13.29 -22.92 -21.63
CA ARG A 150 -13.00 -22.93 -23.08
C ARG A 150 -13.97 -23.77 -23.88
N LEU A 151 -14.45 -24.85 -23.29
CA LEU A 151 -15.43 -25.72 -23.94
C LEU A 151 -16.79 -25.02 -24.03
N ARG A 152 -17.26 -24.48 -22.92
CA ARG A 152 -18.53 -23.78 -22.93
C ARG A 152 -18.45 -22.52 -23.83
N GLU A 153 -17.29 -21.87 -23.88
CA GLU A 153 -17.12 -20.70 -24.74
C GLU A 153 -17.49 -21.10 -26.16
N ARG A 154 -16.91 -22.21 -26.60
CA ARG A 154 -17.18 -22.75 -27.93
C ARG A 154 -18.65 -23.13 -28.11
N ALA A 155 -19.21 -23.81 -27.12
CA ALA A 155 -20.62 -24.22 -27.16
C ALA A 155 -21.59 -23.03 -27.28
N ILE A 156 -21.29 -21.95 -26.55
CA ILE A 156 -22.12 -20.75 -26.59
C ILE A 156 -21.95 -19.99 -27.89
N LYS A 157 -20.70 -19.75 -28.26
CA LYS A 157 -20.36 -18.99 -29.46
C LYS A 157 -20.92 -19.58 -30.75
N GLN A 158 -20.86 -20.89 -30.89
CA GLN A 158 -21.23 -21.54 -32.13
C GLN A 158 -22.32 -22.60 -32.09
N HIS A 159 -22.86 -22.91 -30.92
CA HIS A 159 -23.87 -23.96 -30.85
C HIS A 159 -25.03 -23.60 -29.97
N GLY A 160 -25.23 -22.31 -29.77
CA GLY A 160 -26.35 -21.78 -29.00
C GLY A 160 -26.57 -22.29 -27.60
N LEU A 161 -25.48 -22.56 -26.85
CA LEU A 161 -25.63 -23.01 -25.46
C LEU A 161 -26.06 -21.81 -24.62
N TYR A 162 -26.94 -22.07 -23.65
CA TYR A 162 -27.49 -21.06 -22.77
C TYR A 162 -28.22 -19.96 -23.56
N SER A 163 -28.98 -20.40 -24.56
CA SER A 163 -29.75 -19.53 -25.45
C SER A 163 -30.94 -20.32 -25.97
N ASN A 164 -32.11 -19.71 -25.95
CA ASN A 164 -33.35 -20.37 -26.40
C ASN A 164 -33.70 -21.60 -25.55
N GLY A 165 -33.44 -21.53 -24.24
CA GLY A 165 -33.74 -22.62 -23.33
C GLY A 165 -32.76 -23.79 -23.29
N LEU A 166 -31.77 -23.80 -24.18
CA LEU A 166 -30.78 -24.87 -24.23
C LEU A 166 -29.81 -24.67 -23.07
N LYS A 167 -30.03 -25.40 -21.98
CA LYS A 167 -29.22 -25.28 -20.77
C LYS A 167 -28.71 -26.61 -20.21
N GLN A 168 -29.39 -27.72 -20.49
CA GLN A 168 -28.97 -29.03 -19.99
C GLN A 168 -27.82 -29.62 -20.82
N GLY A 169 -27.12 -30.62 -20.25
CA GLY A 169 -26.04 -31.29 -20.96
C GLY A 169 -24.87 -31.71 -20.09
N GLN A 170 -23.86 -32.31 -20.71
CA GLN A 170 -22.70 -32.78 -20.00
C GLN A 170 -21.40 -32.82 -20.82
N ILE A 171 -20.29 -32.48 -20.17
CA ILE A 171 -18.98 -32.53 -20.78
C ILE A 171 -18.29 -33.77 -20.26
N THR A 172 -17.69 -34.54 -21.17
CA THR A 172 -16.98 -35.74 -20.79
C THR A 172 -15.58 -35.71 -21.39
N ILE A 173 -14.58 -35.66 -20.51
CA ILE A 173 -13.19 -35.66 -20.91
C ILE A 173 -12.64 -37.04 -20.60
N THR A 174 -12.20 -37.75 -21.66
CA THR A 174 -11.68 -39.11 -21.49
C THR A 174 -10.16 -39.14 -21.61
N MET A 175 -9.53 -39.82 -20.66
CA MET A 175 -8.09 -39.94 -20.59
C MET A 175 -7.64 -41.25 -21.25
N ASN A 176 -6.33 -41.37 -21.46
CA ASN A 176 -5.75 -42.57 -22.06
C ASN A 176 -5.91 -43.81 -21.20
N ASP A 177 -5.96 -43.63 -19.88
CA ASP A 177 -6.11 -44.77 -18.99
C ASP A 177 -7.57 -45.19 -18.86
N GLY A 178 -8.47 -44.45 -19.51
CA GLY A 178 -9.90 -44.76 -19.47
C GLY A 178 -10.74 -43.99 -18.46
N THR A 179 -10.09 -43.28 -17.53
CA THR A 179 -10.82 -42.51 -16.54
C THR A 179 -11.50 -41.31 -17.23
N THR A 180 -12.59 -40.84 -16.65
CA THR A 180 -13.32 -39.73 -17.23
C THR A 180 -13.59 -38.66 -16.21
N HIS A 181 -13.66 -37.42 -16.68
CA HIS A 181 -13.98 -36.26 -15.86
C HIS A 181 -15.26 -35.68 -16.45
N THR A 182 -16.33 -35.71 -15.68
CA THR A 182 -17.63 -35.25 -16.11
C THR A 182 -18.02 -33.91 -15.54
N ILE A 183 -18.56 -33.03 -16.38
CA ILE A 183 -18.99 -31.69 -15.92
C ILE A 183 -20.42 -31.38 -16.40
N ASP A 184 -21.36 -31.26 -15.46
CA ASP A 184 -22.74 -30.97 -15.77
C ASP A 184 -22.86 -29.53 -16.26
N LEU A 185 -23.54 -29.32 -17.39
CA LEU A 185 -23.70 -27.99 -17.98
C LEU A 185 -24.86 -27.19 -17.39
N SER A 186 -25.80 -27.85 -16.69
CA SER A 186 -26.93 -27.15 -16.09
C SER A 186 -26.46 -26.22 -14.95
N GLN A 187 -25.23 -26.41 -14.50
CA GLN A 187 -24.66 -25.60 -13.43
C GLN A 187 -23.21 -25.28 -13.66
N LYS A 188 -22.79 -24.19 -13.05
CA LYS A 188 -21.40 -23.77 -13.13
C LYS A 188 -20.52 -24.80 -12.52
N LEU A 189 -19.28 -24.86 -13.00
CA LEU A 189 -18.31 -25.79 -12.45
C LEU A 189 -18.20 -25.58 -10.94
N GLU A 190 -18.48 -26.63 -10.17
CA GLU A 190 -18.42 -26.53 -8.72
C GLU A 190 -17.04 -25.98 -8.34
N LYS A 191 -17.02 -25.02 -7.42
CA LYS A 191 -15.78 -24.33 -6.98
C LYS A 191 -14.61 -25.24 -6.62
N GLU A 192 -14.85 -26.15 -5.67
CA GLU A 192 -13.81 -27.07 -5.21
C GLU A 192 -13.07 -27.76 -6.34
N ARG A 193 -13.62 -27.71 -7.56
CA ARG A 193 -12.97 -28.34 -8.71
C ARG A 193 -12.17 -27.40 -9.61
N MET A 194 -12.44 -26.09 -9.52
CA MET A 194 -11.73 -25.12 -10.34
C MET A 194 -10.21 -25.19 -10.15
N GLY A 195 -9.78 -25.63 -8.98
CA GLY A 195 -8.36 -25.77 -8.65
C GLY A 195 -7.72 -27.07 -9.14
N GLU A 196 -8.51 -28.12 -9.33
CA GLU A 196 -7.99 -29.40 -9.85
C GLU A 196 -7.38 -29.20 -11.21
N SER A 197 -6.50 -30.13 -11.56
CA SER A 197 -5.85 -30.10 -12.85
C SER A 197 -5.63 -31.52 -13.31
N ILE A 198 -5.48 -31.69 -14.61
CA ILE A 198 -5.27 -33.00 -15.18
C ILE A 198 -4.08 -32.99 -16.14
N ASP A 199 -3.53 -34.16 -16.40
CA ASP A 199 -2.38 -34.31 -17.26
C ASP A 199 -2.82 -34.10 -18.72
N GLY A 200 -2.59 -32.89 -19.21
CA GLY A 200 -2.95 -32.52 -20.57
C GLY A 200 -2.40 -33.39 -21.67
N THR A 201 -1.33 -34.14 -21.38
CA THR A 201 -0.74 -35.03 -22.37
C THR A 201 -1.50 -36.34 -22.46
N LYS A 202 -2.20 -36.71 -21.39
CA LYS A 202 -2.95 -37.99 -21.35
C LYS A 202 -4.41 -37.87 -21.83
N ILE A 203 -4.88 -36.69 -22.17
CA ILE A 203 -6.27 -36.54 -22.59
C ILE A 203 -6.48 -37.19 -23.96
N ASN A 204 -7.41 -38.14 -24.02
CA ASN A 204 -7.69 -38.85 -25.28
C ASN A 204 -8.72 -38.17 -26.15
N LYS A 205 -9.84 -37.77 -25.57
CA LYS A 205 -10.90 -37.12 -26.32
C LYS A 205 -11.84 -36.35 -25.43
N ILE A 206 -12.50 -35.35 -26.00
CA ILE A 206 -13.46 -34.54 -25.29
C ILE A 206 -14.80 -34.61 -26.01
N LEU A 207 -15.86 -34.80 -25.23
CA LEU A 207 -17.21 -34.88 -25.73
C LEU A 207 -18.04 -33.81 -25.06
N VAL A 208 -18.82 -33.08 -25.84
CA VAL A 208 -19.70 -32.05 -25.32
C VAL A 208 -21.09 -32.33 -25.84
N GLU A 209 -21.95 -32.82 -24.94
CA GLU A 209 -23.32 -33.13 -25.28
C GLU A 209 -24.26 -32.09 -24.69
N MET A 210 -25.21 -31.62 -25.49
CA MET A 210 -26.19 -30.64 -25.03
C MET A 210 -27.51 -31.32 -25.26
N LYS A 211 -28.48 -31.09 -24.38
CA LYS A 211 -29.75 -31.77 -24.58
C LYS A 211 -30.92 -31.00 -24.00
N SER B 23 0.53 -9.74 24.48
CA SER B 23 1.59 -9.47 25.49
C SER B 23 2.49 -8.30 25.06
N GLU B 24 3.64 -8.16 25.74
CA GLU B 24 4.61 -7.10 25.42
C GLU B 24 5.17 -7.11 24.02
N SER B 25 5.85 -8.20 23.65
CA SER B 25 6.50 -8.29 22.33
C SER B 25 5.51 -8.29 21.19
N GLU B 26 4.32 -8.85 21.41
CA GLU B 26 3.28 -8.91 20.39
C GLU B 26 2.67 -7.53 20.18
N LEU B 27 2.65 -6.72 21.25
CA LEU B 27 2.12 -5.36 21.21
C LEU B 27 3.15 -4.40 20.66
N LYS B 28 4.38 -4.55 21.12
CA LYS B 28 5.49 -3.72 20.65
C LYS B 28 5.71 -4.00 19.18
N HIS B 29 5.45 -5.24 18.77
CA HIS B 29 5.60 -5.65 17.38
C HIS B 29 4.60 -4.93 16.48
N TYR B 30 3.34 -4.97 16.88
CA TYR B 30 2.25 -4.36 16.11
C TYR B 30 2.45 -2.87 15.88
N TYR B 31 2.73 -2.15 16.96
CA TYR B 31 2.91 -0.72 16.87
C TYR B 31 4.26 -0.28 16.31
N ASN B 32 5.16 -1.22 16.00
CA ASN B 32 6.42 -0.90 15.35
C ASN B 32 6.32 -1.14 13.85
N LYS B 33 5.15 -1.58 13.39
CA LYS B 33 4.95 -1.81 11.97
C LYS B 33 4.94 -0.48 11.22
N PRO B 34 5.45 -0.46 9.98
CA PRO B 34 5.48 0.77 9.21
C PRO B 34 4.09 1.18 8.80
N ILE B 35 3.93 2.46 8.47
CA ILE B 35 2.65 3.03 8.09
C ILE B 35 2.65 3.59 6.68
N LEU B 36 1.57 3.37 5.95
CA LEU B 36 1.43 3.96 4.65
C LEU B 36 0.40 5.02 4.88
N GLU B 37 0.80 6.28 4.83
CA GLU B 37 -0.12 7.39 5.07
C GLU B 37 -0.15 8.29 3.85
N ARG B 38 -1.30 8.36 3.17
CA ARG B 38 -1.43 9.22 2.00
C ARG B 38 -2.72 10.00 2.07
N LYS B 39 -2.66 11.24 1.61
CA LYS B 39 -3.81 12.14 1.66
C LYS B 39 -4.25 12.56 0.27
N ASN B 40 -5.50 13.03 0.17
CA ASN B 40 -6.04 13.49 -1.10
C ASN B 40 -5.99 12.43 -2.18
N VAL B 41 -6.46 11.25 -1.83
CA VAL B 41 -6.45 10.14 -2.76
C VAL B 41 -7.89 9.78 -3.11
N THR B 42 -8.03 8.76 -3.96
CA THR B 42 -9.32 8.25 -4.40
C THR B 42 -9.44 6.78 -4.08
N GLY B 43 -10.56 6.38 -3.50
CA GLY B 43 -10.78 4.97 -3.14
C GLY B 43 -12.10 4.47 -3.67
N PHE B 44 -12.16 3.19 -4.02
CA PHE B 44 -13.38 2.57 -4.54
C PHE B 44 -14.04 1.64 -3.51
N LYS B 45 -15.23 1.98 -3.05
CA LYS B 45 -15.93 1.16 -2.06
C LYS B 45 -16.85 0.13 -2.71
N TYR B 46 -16.90 -1.07 -2.13
CA TYR B 46 -17.76 -2.15 -2.64
C TYR B 46 -18.07 -3.18 -1.56
N THR B 47 -18.95 -4.14 -1.89
CA THR B 47 -19.29 -5.22 -0.94
C THR B 47 -18.91 -6.58 -1.56
N ASP B 48 -18.49 -7.51 -0.72
CA ASP B 48 -18.09 -8.87 -1.11
C ASP B 48 -18.59 -9.70 0.07
N GLU B 49 -19.76 -10.32 -0.09
CA GLU B 49 -20.45 -11.03 0.99
C GLU B 49 -20.95 -9.90 1.93
N GLY B 50 -20.99 -10.15 3.23
CA GLY B 50 -21.43 -9.12 4.18
C GLY B 50 -20.27 -8.22 4.57
N LYS B 51 -19.15 -8.33 3.86
CA LYS B 51 -17.95 -7.55 4.13
C LYS B 51 -17.95 -6.31 3.23
N HIS B 52 -17.55 -5.17 3.78
CA HIS B 52 -17.49 -3.92 3.04
C HIS B 52 -16.05 -3.49 2.97
N TYR B 53 -15.56 -3.24 1.76
CA TYR B 53 -14.15 -2.85 1.60
C TYR B 53 -13.99 -1.57 0.82
N LEU B 54 -12.77 -1.05 0.88
CA LEU B 54 -12.41 0.15 0.14
C LEU B 54 -11.06 -0.12 -0.47
N GLU B 55 -10.99 -0.13 -1.79
CA GLU B 55 -9.73 -0.37 -2.46
C GLU B 55 -9.03 0.94 -2.70
N VAL B 56 -7.71 0.97 -2.47
CA VAL B 56 -6.95 2.17 -2.67
C VAL B 56 -5.63 1.83 -3.31
N THR B 57 -5.38 2.44 -4.45
CA THR B 57 -4.18 2.19 -5.19
C THR B 57 -3.45 3.52 -5.36
N VAL B 58 -2.34 3.68 -4.65
CA VAL B 58 -1.55 4.92 -4.71
C VAL B 58 -0.18 4.58 -5.25
N GLY B 59 0.13 5.10 -6.43
CA GLY B 59 1.35 4.73 -7.09
C GLY B 59 1.09 3.29 -7.50
N GLN B 60 1.98 2.38 -7.16
CA GLN B 60 1.75 0.98 -7.52
C GLN B 60 1.41 0.09 -6.31
N GLN B 61 1.50 0.62 -5.07
CA GLN B 61 1.09 -0.15 -3.90
C GLN B 61 -0.44 -0.25 -3.86
N HIS B 62 -0.95 -1.47 -3.93
CA HIS B 62 -2.37 -1.72 -3.86
C HIS B 62 -2.70 -1.96 -2.39
N SER B 63 -3.88 -1.54 -1.97
CA SER B 63 -4.30 -1.75 -0.58
C SER B 63 -5.81 -1.96 -0.48
N ARG B 64 -6.22 -2.83 0.44
CA ARG B 64 -7.64 -3.07 0.65
C ARG B 64 -7.95 -2.80 2.11
N ILE B 65 -8.80 -1.80 2.36
CA ILE B 65 -9.17 -1.42 3.73
C ILE B 65 -10.52 -2.03 4.13
N THR B 66 -10.57 -2.63 5.33
CA THR B 66 -11.79 -3.24 5.81
C THR B 66 -12.65 -2.23 6.56
N LEU B 67 -13.90 -2.11 6.12
CA LEU B 67 -14.86 -1.19 6.73
C LEU B 67 -15.81 -1.94 7.69
N LEU B 68 -15.88 -1.44 8.92
CA LEU B 68 -16.70 -2.05 9.96
C LEU B 68 -17.63 -1.02 10.62
N GLY B 69 -18.37 -1.46 11.63
CA GLY B 69 -19.31 -0.59 12.40
C GLY B 69 -19.81 0.74 11.79
N SER B 70 -19.28 1.87 12.24
CA SER B 70 -19.71 3.19 11.72
C SER B 70 -19.07 3.52 10.37
N ASP B 71 -17.77 3.30 10.28
CA ASP B 71 -16.91 3.52 9.14
C ASP B 71 -17.58 3.24 7.78
N LYS B 72 -18.20 2.06 7.70
CA LYS B 72 -18.84 1.57 6.47
C LYS B 72 -19.93 2.46 5.88
N ASP B 73 -20.72 3.15 6.71
CA ASP B 73 -21.82 4.01 6.24
C ASP B 73 -21.38 5.44 5.95
N LYS B 74 -20.29 5.86 6.57
CA LYS B 74 -19.77 7.20 6.36
C LYS B 74 -19.46 7.48 4.87
N PHE B 75 -19.01 6.46 4.14
CA PHE B 75 -18.65 6.60 2.74
C PHE B 75 -19.63 5.81 1.86
N LYS B 76 -19.93 6.36 0.68
CA LYS B 76 -20.85 5.70 -0.28
C LYS B 76 -20.15 4.72 -1.24
N ASP B 77 -20.91 3.74 -1.74
CA ASP B 77 -20.39 2.76 -2.68
C ASP B 77 -19.93 3.45 -3.96
N GLY B 78 -18.92 2.87 -4.59
CA GLY B 78 -18.35 3.42 -5.81
C GLY B 78 -17.18 4.32 -5.50
N GLU B 79 -16.83 5.19 -6.44
CA GLU B 79 -15.71 6.11 -6.28
C GLU B 79 -15.93 7.11 -5.15
N ASN B 80 -14.89 7.30 -4.36
CA ASN B 80 -14.87 8.29 -3.29
C ASN B 80 -13.61 9.08 -3.48
N SER B 81 -13.75 10.38 -3.69
CA SER B 81 -12.60 11.25 -3.86
C SER B 81 -12.34 11.99 -2.57
N ASN B 82 -11.24 12.74 -2.55
CA ASN B 82 -10.87 13.55 -1.39
C ASN B 82 -11.02 12.85 -0.06
N ILE B 83 -10.22 11.80 0.10
CA ILE B 83 -10.16 11.03 1.34
C ILE B 83 -8.70 10.84 1.70
N ASP B 84 -8.47 10.68 2.99
CA ASP B 84 -7.13 10.44 3.49
C ASP B 84 -7.08 9.03 4.05
N VAL B 85 -5.90 8.43 3.94
CA VAL B 85 -5.70 7.06 4.41
C VAL B 85 -4.49 6.86 5.32
N PHE B 86 -4.71 6.03 6.35
CA PHE B 86 -3.69 5.67 7.34
C PHE B 86 -3.68 4.14 7.36
N ILE B 87 -2.77 3.56 6.59
CA ILE B 87 -2.68 2.11 6.42
C ILE B 87 -1.65 1.36 7.23
N LEU B 88 -2.10 0.26 7.84
CA LEU B 88 -1.28 -0.61 8.66
C LEU B 88 -1.68 -2.05 8.36
N ARG B 89 -0.69 -2.84 7.95
CA ARG B 89 -0.90 -4.24 7.61
C ARG B 89 -1.22 -5.07 8.85
N GLU B 90 -2.41 -5.65 8.92
CA GLU B 90 -2.80 -6.45 10.10
C GLU B 90 -2.03 -7.75 10.33
N GLY B 91 -2.07 -8.68 9.37
CA GLY B 91 -1.38 -9.95 9.53
C GLY B 91 0.10 -9.80 9.33
N ASP B 92 0.82 -10.91 9.45
CA ASP B 92 2.27 -10.94 9.26
C ASP B 92 2.69 -11.60 7.96
N SER B 93 1.71 -11.92 7.11
CA SER B 93 1.99 -12.50 5.80
C SER B 93 2.68 -11.44 4.95
N ARG B 94 3.68 -11.86 4.18
CA ARG B 94 4.49 -10.92 3.40
C ARG B 94 4.06 -10.71 1.94
N GLN B 95 2.77 -10.83 1.68
CA GLN B 95 2.24 -10.61 0.33
C GLN B 95 2.35 -9.11 0.03
N ALA B 96 2.32 -8.75 -1.25
CA ALA B 96 2.48 -7.36 -1.68
C ALA B 96 1.35 -6.40 -1.28
N THR B 97 0.10 -6.79 -1.49
CA THR B 97 -1.06 -5.95 -1.12
C THR B 97 -1.18 -5.76 0.38
N ASN B 98 -1.63 -4.58 0.78
CA ASN B 98 -1.80 -4.24 2.16
C ASN B 98 -3.25 -4.43 2.57
N TYR B 99 -3.45 -5.16 3.67
CA TYR B 99 -4.78 -5.39 4.23
C TYR B 99 -4.84 -4.71 5.58
N SER B 100 -5.56 -3.58 5.62
CA SER B 100 -5.67 -2.75 6.82
C SER B 100 -7.13 -2.61 7.24
N ILE B 101 -7.35 -2.11 8.44
CA ILE B 101 -8.70 -1.91 8.97
C ILE B 101 -8.84 -0.44 9.35
N GLY B 102 -9.96 0.17 8.97
CA GLY B 102 -10.24 1.58 9.28
C GLY B 102 -9.18 2.56 8.78
N GLY B 103 -9.01 3.64 9.52
CA GLY B 103 -8.02 4.66 9.18
C GLY B 103 -8.35 5.47 7.94
N VAL B 104 -9.65 5.55 7.63
CA VAL B 104 -10.09 6.27 6.47
C VAL B 104 -10.93 7.48 6.93
N THR B 105 -10.54 8.66 6.45
CA THR B 105 -11.18 9.92 6.83
C THR B 105 -11.35 10.81 5.62
N LYS B 106 -11.96 11.97 5.82
CA LYS B 106 -12.16 12.91 4.74
C LYS B 106 -11.04 13.91 4.81
N SER B 107 -10.40 14.20 3.69
CA SER B 107 -9.34 15.20 3.68
C SER B 107 -9.89 16.57 4.06
N ASN B 108 -8.98 17.47 4.42
CA ASN B 108 -9.35 18.81 4.83
C ASN B 108 -10.08 19.55 3.72
N SER B 109 -11.11 20.27 4.12
CA SER B 109 -11.96 21.06 3.25
C SER B 109 -11.33 22.40 2.96
N VAL B 110 -10.41 22.79 3.83
CA VAL B 110 -9.73 24.07 3.74
C VAL B 110 -8.24 23.82 3.56
N GLN B 111 -7.54 24.83 3.07
CA GLN B 111 -6.11 24.76 2.83
C GLN B 111 -5.40 25.51 3.96
N TYR B 112 -4.67 24.79 4.81
CA TYR B 112 -3.99 25.39 5.97
C TYR B 112 -2.49 25.56 5.74
N ILE B 113 -1.96 26.73 6.06
CA ILE B 113 -0.54 27.04 5.90
C ILE B 113 0.26 26.56 7.12
N ASP B 114 -0.44 26.42 8.24
CA ASP B 114 0.12 26.03 9.52
C ASP B 114 -0.67 24.88 10.09
N TYR B 115 -0.23 24.33 11.23
CA TYR B 115 -0.99 23.26 11.85
C TYR B 115 -2.30 23.87 12.27
N ILE B 116 -3.34 23.05 12.29
CA ILE B 116 -4.67 23.55 12.63
C ILE B 116 -4.85 23.73 14.13
N ASN B 117 -4.34 22.78 14.89
CA ASN B 117 -4.51 22.77 16.33
C ASN B 117 -3.28 22.14 16.93
N THR B 118 -2.82 22.65 18.07
CA THR B 118 -1.64 22.08 18.74
C THR B 118 -1.97 21.88 20.21
N PRO B 119 -2.86 20.92 20.51
CA PRO B 119 -3.27 20.69 21.89
C PRO B 119 -2.12 20.23 22.77
N ILE B 120 -2.28 20.40 24.07
CA ILE B 120 -1.27 20.01 25.04
C ILE B 120 -1.18 18.50 25.12
N LEU B 121 0.03 17.99 25.30
CA LEU B 121 0.28 16.57 25.42
C LEU B 121 1.06 16.27 26.67
N GLU B 122 0.43 15.61 27.64
CA GLU B 122 1.11 15.21 28.89
C GLU B 122 1.43 13.73 28.77
N ILE B 123 2.66 13.37 29.14
CA ILE B 123 3.09 11.99 29.15
C ILE B 123 3.50 11.67 30.58
N LYS B 124 2.60 11.02 31.33
CA LYS B 124 2.88 10.67 32.73
C LYS B 124 3.31 9.22 32.88
N LYS B 125 4.55 9.00 33.30
CA LYS B 125 5.07 7.67 33.49
C LYS B 125 4.87 7.51 34.97
N ASP B 126 5.01 6.29 35.47
CA ASP B 126 4.79 6.01 36.90
C ASP B 126 6.05 6.36 37.71
N ASN B 127 5.82 6.79 38.95
CA ASN B 127 6.89 7.22 39.88
C ASN B 127 7.73 8.40 39.35
N GLU B 128 7.10 9.28 38.56
CA GLU B 128 7.78 10.46 37.99
C GLU B 128 6.86 11.51 37.38
N ASP B 129 7.39 12.73 37.32
CA ASP B 129 6.71 13.91 36.81
C ASP B 129 6.10 13.77 35.41
N VAL B 130 5.30 14.78 35.07
CA VAL B 130 4.65 14.86 33.79
C VAL B 130 5.59 15.62 32.88
N LEU B 131 5.72 15.15 31.64
CA LEU B 131 6.57 15.81 30.65
C LEU B 131 5.66 16.56 29.70
N LYS B 132 5.82 17.88 29.65
CA LYS B 132 4.99 18.74 28.79
C LYS B 132 5.49 18.84 27.34
N ASP B 133 4.52 18.94 26.42
CA ASP B 133 4.75 19.02 24.98
C ASP B 133 3.38 19.16 24.30
N PHE B 134 3.35 19.15 22.96
CA PHE B 134 2.10 19.27 22.22
C PHE B 134 1.99 18.19 21.16
N TYR B 135 0.76 17.95 20.71
CA TYR B 135 0.48 17.01 19.63
C TYR B 135 0.10 17.94 18.47
N TYR B 136 0.69 17.72 17.30
CA TYR B 136 0.46 18.62 16.17
C TYR B 136 -0.56 18.09 15.18
N ILE B 137 -1.72 18.74 15.17
CA ILE B 137 -2.86 18.38 14.31
C ILE B 137 -2.83 19.08 12.96
N SER B 138 -2.86 18.27 11.92
CA SER B 138 -2.83 18.71 10.55
C SER B 138 -4.07 18.22 9.80
N LYS B 139 -5.07 17.77 10.54
CA LYS B 139 -6.27 17.18 9.96
C LYS B 139 -7.57 17.57 10.65
N GLU B 140 -8.57 17.93 9.85
CA GLU B 140 -9.89 18.30 10.36
C GLU B 140 -10.60 17.05 10.90
N ASP B 141 -10.49 15.96 10.14
CA ASP B 141 -11.10 14.70 10.47
C ASP B 141 -9.98 13.69 10.71
N ILE B 142 -9.79 13.28 11.96
CA ILE B 142 -8.73 12.33 12.32
C ILE B 142 -9.30 11.07 12.90
N SER B 143 -8.78 9.94 12.43
CA SER B 143 -9.22 8.63 12.89
C SER B 143 -8.52 8.22 14.18
N LEU B 144 -9.26 7.52 15.05
CA LEU B 144 -8.68 7.02 16.29
C LEU B 144 -7.46 6.17 16.00
N LYS B 145 -7.51 5.43 14.90
CA LYS B 145 -6.40 4.59 14.48
C LYS B 145 -5.09 5.38 14.42
N GLU B 146 -5.14 6.60 13.89
CA GLU B 146 -3.94 7.42 13.78
C GLU B 146 -3.46 7.92 15.14
N LEU B 147 -4.37 8.49 15.91
CA LEU B 147 -4.02 9.00 17.23
C LEU B 147 -3.43 7.86 18.05
N ASP B 148 -4.18 6.78 18.17
CA ASP B 148 -3.74 5.60 18.89
C ASP B 148 -2.31 5.21 18.49
N TYR B 149 -2.07 5.09 17.19
CA TYR B 149 -0.77 4.69 16.71
C TYR B 149 0.32 5.72 16.97
N ARG B 150 0.07 6.98 16.60
CA ARG B 150 1.07 8.06 16.78
C ARG B 150 1.45 8.33 18.22
N LEU B 151 0.49 8.20 19.13
CA LEU B 151 0.74 8.38 20.55
C LEU B 151 1.61 7.25 21.08
N ARG B 152 1.23 6.01 20.79
CA ARG B 152 2.00 4.88 21.24
C ARG B 152 3.39 4.88 20.58
N GLU B 153 3.49 5.32 19.34
CA GLU B 153 4.80 5.41 18.68
C GLU B 153 5.72 6.24 19.57
N ARG B 154 5.23 7.40 19.96
CA ARG B 154 5.98 8.30 20.79
C ARG B 154 6.31 7.65 22.15
N ALA B 155 5.30 7.04 22.77
CA ALA B 155 5.48 6.38 24.07
C ALA B 155 6.58 5.30 24.02
N ILE B 156 6.59 4.54 22.93
CA ILE B 156 7.57 3.47 22.74
C ILE B 156 8.95 4.05 22.44
N LYS B 157 9.00 4.95 21.46
CA LYS B 157 10.25 5.56 20.98
C LYS B 157 11.05 6.26 22.04
N GLN B 158 10.38 7.00 22.92
CA GLN B 158 11.13 7.75 23.96
C GLN B 158 10.65 7.64 25.43
N HIS B 159 9.73 6.72 25.74
CA HIS B 159 9.30 6.54 27.12
C HIS B 159 9.21 5.08 27.52
N GLY B 160 9.90 4.23 26.77
CA GLY B 160 9.97 2.80 27.05
C GLY B 160 8.68 2.01 27.18
N LEU B 161 7.66 2.36 26.41
CA LEU B 161 6.40 1.61 26.47
C LEU B 161 6.62 0.25 25.81
N TYR B 162 5.99 -0.77 26.38
CA TYR B 162 6.08 -2.14 25.89
C TYR B 162 7.51 -2.65 25.89
N SER B 163 8.23 -2.33 26.96
CA SER B 163 9.61 -2.77 27.14
C SER B 163 9.93 -2.72 28.65
N ASN B 164 10.65 -3.72 29.14
CA ASN B 164 10.99 -3.83 30.57
C ASN B 164 9.75 -3.96 31.46
N GLY B 165 8.73 -4.68 30.98
CA GLY B 165 7.50 -4.90 31.75
C GLY B 165 6.45 -3.80 31.70
N LEU B 166 6.80 -2.64 31.14
CA LEU B 166 5.86 -1.51 31.08
C LEU B 166 4.82 -1.70 29.96
N LYS B 167 3.64 -2.16 30.33
CA LYS B 167 2.59 -2.40 29.33
C LYS B 167 1.18 -1.91 29.70
N GLN B 168 0.93 -1.66 30.98
CA GLN B 168 -0.38 -1.17 31.41
C GLN B 168 -0.46 0.37 31.22
N GLY B 169 -1.67 0.93 31.22
CA GLY B 169 -1.88 2.39 31.04
C GLY B 169 -3.14 2.80 30.26
N GLN B 170 -3.37 4.10 30.15
CA GLN B 170 -4.51 4.66 29.39
C GLN B 170 -4.21 5.97 28.66
N ILE B 171 -4.82 6.11 27.48
CA ILE B 171 -4.74 7.34 26.72
C ILE B 171 -6.07 8.04 26.89
N THR B 172 -6.03 9.33 27.19
CA THR B 172 -7.25 10.10 27.36
C THR B 172 -7.17 11.34 26.50
N ILE B 173 -8.08 11.41 25.53
CA ILE B 173 -8.17 12.54 24.61
C ILE B 173 -9.39 13.34 25.03
N THR B 174 -9.17 14.59 25.44
CA THR B 174 -10.27 15.44 25.88
C THR B 174 -10.61 16.48 24.80
N MET B 175 -11.92 16.61 24.52
CA MET B 175 -12.46 17.54 23.54
C MET B 175 -12.93 18.83 24.20
N ASN B 176 -13.22 19.85 23.39
CA ASN B 176 -13.68 21.12 23.91
C ASN B 176 -15.05 21.03 24.55
N ASP B 177 -15.88 20.09 24.12
CA ASP B 177 -17.22 19.95 24.72
C ASP B 177 -17.16 19.13 26.00
N GLY B 178 -15.97 18.64 26.36
CA GLY B 178 -15.79 17.88 27.60
C GLY B 178 -15.82 16.38 27.46
N THR B 179 -16.22 15.87 26.29
CA THR B 179 -16.26 14.44 26.08
C THR B 179 -14.83 13.92 26.01
N THR B 180 -14.65 12.65 26.39
CA THR B 180 -13.34 12.04 26.38
C THR B 180 -13.36 10.72 25.67
N HIS B 181 -12.23 10.42 25.03
CA HIS B 181 -12.05 9.18 24.32
C HIS B 181 -10.91 8.48 25.01
N THR B 182 -11.21 7.34 25.64
CA THR B 182 -10.19 6.58 26.39
C THR B 182 -9.74 5.35 25.62
N ILE B 183 -8.44 5.10 25.64
CA ILE B 183 -7.87 3.94 24.97
C ILE B 183 -6.92 3.20 25.90
N ASP B 184 -7.29 1.98 26.28
CA ASP B 184 -6.48 1.14 27.18
C ASP B 184 -5.21 0.69 26.44
N LEU B 185 -4.05 0.87 27.09
CA LEU B 185 -2.76 0.50 26.47
C LEU B 185 -2.38 -0.98 26.63
N SER B 186 -3.04 -1.70 27.54
CA SER B 186 -2.75 -3.12 27.76
C SER B 186 -3.19 -3.96 26.56
N GLN B 187 -4.01 -3.37 25.68
CA GLN B 187 -4.49 -4.03 24.49
C GLN B 187 -4.50 -3.11 23.28
N LYS B 188 -4.42 -3.74 22.13
CA LYS B 188 -4.42 -3.05 20.86
C LYS B 188 -5.80 -2.37 20.69
N LEU B 189 -5.84 -1.24 20.00
CA LEU B 189 -7.09 -0.52 19.78
C LEU B 189 -8.12 -1.47 19.21
N GLU B 190 -9.25 -1.61 19.90
CA GLU B 190 -10.31 -2.51 19.42
C GLU B 190 -10.65 -2.12 17.97
N LYS B 191 -10.74 -3.13 17.11
CA LYS B 191 -11.01 -2.94 15.67
C LYS B 191 -12.17 -2.00 15.34
N GLU B 192 -13.33 -2.29 15.88
CA GLU B 192 -14.53 -1.50 15.60
C GLU B 192 -14.33 0.00 15.77
N ARG B 193 -13.24 0.40 16.44
CA ARG B 193 -12.95 1.80 16.66
C ARG B 193 -11.94 2.40 15.69
N MET B 194 -11.13 1.57 15.04
CA MET B 194 -10.14 2.06 14.09
C MET B 194 -10.75 2.94 12.99
N GLY B 195 -12.00 2.68 12.66
CA GLY B 195 -12.72 3.46 11.65
C GLY B 195 -13.30 4.79 12.15
N GLU B 196 -13.59 4.90 13.45
CA GLU B 196 -14.11 6.14 14.02
C GLU B 196 -13.15 7.26 13.77
N SER B 197 -13.69 8.47 13.82
CA SER B 197 -12.88 9.67 13.66
C SER B 197 -13.46 10.76 14.54
N ILE B 198 -12.62 11.74 14.86
CA ILE B 198 -13.03 12.83 15.70
C ILE B 198 -12.63 14.15 15.07
N ASP B 199 -13.31 15.21 15.47
CA ASP B 199 -13.04 16.53 14.96
C ASP B 199 -11.71 17.04 15.51
N GLY B 200 -10.66 16.93 14.70
CA GLY B 200 -9.31 17.36 15.09
C GLY B 200 -9.15 18.80 15.53
N THR B 201 -10.12 19.65 15.18
CA THR B 201 -10.08 21.04 15.58
C THR B 201 -10.60 21.22 16.99
N LYS B 202 -11.46 20.30 17.44
CA LYS B 202 -12.08 20.40 18.79
C LYS B 202 -11.26 19.72 19.89
N ILE B 203 -10.13 19.08 19.55
CA ILE B 203 -9.35 18.39 20.58
C ILE B 203 -8.67 19.39 21.51
N ASN B 204 -8.96 19.29 22.81
CA ASN B 204 -8.41 20.20 23.81
C ASN B 204 -7.05 19.77 24.35
N LYS B 205 -6.93 18.51 24.75
CA LYS B 205 -5.67 18.02 25.30
C LYS B 205 -5.62 16.50 25.25
N ILE B 206 -4.40 15.98 25.24
CA ILE B 206 -4.15 14.55 25.22
C ILE B 206 -3.28 14.17 26.41
N LEU B 207 -3.69 13.11 27.09
CA LEU B 207 -2.98 12.59 28.24
C LEU B 207 -2.61 11.15 27.97
N VAL B 208 -1.36 10.80 28.26
CA VAL B 208 -0.87 9.44 28.09
C VAL B 208 -0.26 9.00 29.41
N GLU B 209 -0.99 8.14 30.15
CA GLU B 209 -0.52 7.59 31.43
C GLU B 209 -0.04 6.17 31.21
N MET B 210 1.09 5.84 31.80
CA MET B 210 1.63 4.50 31.75
C MET B 210 1.78 4.09 33.20
N LYS B 211 1.54 2.82 33.51
CA LYS B 211 1.64 2.34 34.88
C LYS B 211 1.97 0.85 34.92
N SER C 23 21.07 33.23 12.49
CA SER C 23 20.44 33.56 13.81
C SER C 23 19.74 32.34 14.38
N GLU C 24 19.79 32.17 15.70
CA GLU C 24 19.17 31.03 16.38
C GLU C 24 17.63 30.95 16.16
N SER C 25 16.90 32.00 16.55
CA SER C 25 15.42 32.01 16.41
C SER C 25 14.96 32.00 14.96
N GLU C 26 15.74 32.62 14.08
CA GLU C 26 15.40 32.67 12.65
C GLU C 26 15.63 31.31 11.99
N LEU C 27 16.56 30.55 12.55
CA LEU C 27 16.90 29.24 12.04
C LEU C 27 15.96 28.21 12.64
N LYS C 28 15.68 28.33 13.93
CA LYS C 28 14.73 27.45 14.60
C LYS C 28 13.35 27.66 14.00
N HIS C 29 13.09 28.89 13.54
CA HIS C 29 11.81 29.24 12.93
C HIS C 29 11.64 28.51 11.62
N TYR C 30 12.66 28.58 10.77
CA TYR C 30 12.63 27.96 9.45
C TYR C 30 12.38 26.48 9.51
N TYR C 31 13.16 25.79 10.32
CA TYR C 31 13.02 24.35 10.45
C TYR C 31 11.80 23.86 11.28
N ASN C 32 11.03 24.79 11.86
CA ASN C 32 9.80 24.43 12.58
C ASN C 32 8.60 24.65 11.69
N LYS C 33 8.83 25.08 10.45
CA LYS C 33 7.75 25.29 9.51
C LYS C 33 7.16 23.95 9.11
N PRO C 34 5.83 23.91 8.89
CA PRO C 34 5.18 22.66 8.50
C PRO C 34 5.59 22.26 7.09
N ILE C 35 5.44 20.98 6.78
CA ILE C 35 5.83 20.42 5.50
C ILE C 35 4.66 19.84 4.74
N LEU C 36 4.63 20.05 3.43
CA LEU C 36 3.61 19.45 2.60
C LEU C 36 4.38 18.38 1.86
N GLU C 37 4.14 17.12 2.21
CA GLU C 37 4.84 16.03 1.62
C GLU C 37 3.83 15.09 0.98
N ARG C 38 3.86 14.98 -0.35
CA ARG C 38 2.98 14.04 -1.06
C ARG C 38 3.78 13.27 -2.11
N LYS C 39 3.39 12.02 -2.29
CA LYS C 39 4.08 11.11 -3.20
C LYS C 39 3.16 10.66 -4.32
N ASN C 40 3.76 10.18 -5.40
CA ASN C 40 2.99 9.69 -6.54
C ASN C 40 2.03 10.73 -7.08
N VAL C 41 2.56 11.93 -7.30
CA VAL C 41 1.77 13.02 -7.83
C VAL C 41 2.25 13.37 -9.22
N THR C 42 1.60 14.37 -9.82
CA THR C 42 1.91 14.84 -11.15
C THR C 42 2.22 16.33 -11.10
N GLY C 43 3.32 16.73 -11.74
CA GLY C 43 3.73 18.14 -11.78
C GLY C 43 3.98 18.61 -13.19
N PHE C 44 3.69 19.88 -13.45
CA PHE C 44 3.88 20.47 -14.78
C PHE C 44 5.09 21.41 -14.81
N LYS C 45 6.11 21.06 -15.58
CA LYS C 45 7.31 21.89 -15.66
C LYS C 45 7.24 22.87 -16.82
N TYR C 46 7.74 24.08 -16.59
CA TYR C 46 7.75 25.12 -17.61
C TYR C 46 8.83 26.15 -17.34
N THR C 47 9.00 27.07 -18.29
CA THR C 47 9.97 28.12 -18.18
C THR C 47 9.26 29.48 -18.28
N ASP C 48 9.74 30.44 -17.50
CA ASP C 48 9.19 31.80 -17.46
C ASP C 48 10.45 32.63 -17.34
N GLU C 49 10.93 33.14 -18.47
CA GLU C 49 12.22 33.84 -18.54
C GLU C 49 13.27 32.74 -18.35
N GLY C 50 14.38 33.06 -17.72
CA GLY C 50 15.42 32.05 -17.47
C GLY C 50 15.14 31.25 -16.19
N LYS C 51 13.92 31.39 -15.64
CA LYS C 51 13.51 30.72 -14.43
C LYS C 51 12.78 29.44 -14.83
N HIS C 52 13.05 28.34 -14.12
CA HIS C 52 12.42 27.06 -14.41
C HIS C 52 11.59 26.66 -13.22
N TYR C 53 10.30 26.40 -13.43
CA TYR C 53 9.42 26.03 -12.33
C TYR C 53 8.69 24.74 -12.57
N LEU C 54 8.10 24.23 -11.50
CA LEU C 54 7.29 23.04 -11.55
C LEU C 54 6.05 23.33 -10.74
N GLU C 55 4.89 23.30 -11.38
CA GLU C 55 3.63 23.51 -10.67
C GLU C 55 3.10 22.20 -10.17
N VAL C 56 2.60 22.19 -8.96
CA VAL C 56 2.02 20.97 -8.39
C VAL C 56 0.78 21.31 -7.61
N THR C 57 -0.32 20.67 -7.95
CA THR C 57 -1.57 20.88 -7.27
C THR C 57 -2.03 19.59 -6.70
N VAL C 58 -2.05 19.48 -5.38
CA VAL C 58 -2.53 18.26 -4.72
C VAL C 58 -3.65 18.64 -3.75
N GLY C 59 -4.87 18.26 -4.11
CA GLY C 59 -6.01 18.58 -3.31
C GLY C 59 -6.25 20.06 -3.50
N GLN C 60 -6.38 20.79 -2.39
CA GLN C 60 -6.65 22.22 -2.42
C GLN C 60 -5.38 23.05 -2.59
N GLN C 61 -4.27 22.54 -2.04
CA GLN C 61 -3.02 23.28 -2.05
C GLN C 61 -2.30 23.36 -3.39
N HIS C 62 -2.19 24.57 -3.90
CA HIS C 62 -1.49 24.82 -5.12
C HIS C 62 -0.06 25.18 -4.72
N SER C 63 0.92 24.74 -5.50
CA SER C 63 2.32 25.02 -5.16
C SER C 63 3.22 25.21 -6.37
N ARG C 64 4.20 26.11 -6.26
CA ARG C 64 5.16 26.34 -7.35
C ARG C 64 6.56 26.10 -6.81
N ILE C 65 7.23 25.08 -7.36
CA ILE C 65 8.57 24.71 -6.92
C ILE C 65 9.62 25.32 -7.84
N THR C 66 10.63 25.95 -7.24
CA THR C 66 11.69 26.57 -8.01
C THR C 66 12.80 25.58 -8.31
N LEU C 67 13.12 25.45 -9.59
CA LEU C 67 14.14 24.54 -10.06
C LEU C 67 15.44 25.30 -10.34
N LEU C 68 16.52 24.81 -9.75
CA LEU C 68 17.83 25.43 -9.88
C LEU C 68 18.89 24.41 -10.31
N GLY C 69 20.14 24.86 -10.40
CA GLY C 69 21.29 24.01 -10.76
C GLY C 69 21.08 22.66 -11.44
N SER C 70 21.18 21.56 -10.69
CA SER C 70 21.00 20.22 -11.27
C SER C 70 19.53 19.86 -11.48
N ASP C 71 18.74 20.13 -10.44
CA ASP C 71 17.31 19.89 -10.35
C ASP C 71 16.51 20.13 -11.65
N LYS C 72 16.77 21.27 -12.27
CA LYS C 72 16.09 21.71 -13.51
C LYS C 72 16.17 20.78 -14.72
N ASP C 73 17.29 20.10 -14.91
CA ASP C 73 17.46 19.18 -16.06
C ASP C 73 16.96 17.76 -15.75
N LYS C 74 16.86 17.42 -14.47
CA LYS C 74 16.35 16.12 -14.06
C LYS C 74 15.04 15.80 -14.75
N PHE C 75 14.15 16.77 -14.71
CA PHE C 75 12.80 16.59 -15.21
C PHE C 75 12.57 17.32 -16.53
N LYS C 76 11.73 16.72 -17.38
CA LYS C 76 11.39 17.26 -18.70
C LYS C 76 10.25 18.24 -18.68
N ASP C 77 10.22 19.17 -19.64
N ASP C 77 10.18 19.09 -19.71
CA ASP C 77 9.15 20.17 -19.73
CA ASP C 77 9.13 20.11 -19.82
C ASP C 77 7.82 19.48 -20.01
C ASP C 77 7.77 19.47 -20.07
N GLY C 78 6.73 20.07 -19.51
CA GLY C 78 5.39 19.53 -19.66
C GLY C 78 5.05 18.65 -18.48
N GLU C 79 4.07 17.78 -18.67
CA GLU C 79 3.64 16.88 -17.61
C GLU C 79 4.71 15.88 -17.19
N ASN C 80 4.84 15.71 -15.87
CA ASN C 80 5.74 14.74 -15.28
C ASN C 80 4.91 13.96 -14.28
N SER C 81 4.83 12.65 -14.47
CA SER C 81 4.08 11.79 -13.58
C SER C 81 5.05 11.08 -12.64
N ASN C 82 4.50 10.35 -11.67
CA ASN C 82 5.31 9.58 -10.72
C ASN C 82 6.52 10.31 -10.14
N ILE C 83 6.22 11.39 -9.41
CA ILE C 83 7.21 12.18 -8.73
C ILE C 83 6.74 12.40 -7.32
N ASP C 84 7.70 12.57 -6.42
CA ASP C 84 7.41 12.81 -5.02
C ASP C 84 7.84 14.24 -4.70
N VAL C 85 7.12 14.83 -3.76
CA VAL C 85 7.29 16.21 -3.42
C VAL C 85 7.45 16.48 -1.93
N PHE C 86 8.42 17.33 -1.57
CA PHE C 86 8.68 17.73 -0.18
C PHE C 86 8.68 19.27 -0.19
N ILE C 87 7.55 19.85 0.16
CA ILE C 87 7.34 21.30 0.10
C ILE C 87 7.44 22.07 1.40
N LEU C 88 8.20 23.16 1.33
CA LEU C 88 8.41 24.05 2.45
C LEU C 88 8.36 25.49 1.94
N ARG C 89 7.45 26.27 2.51
CA ARG C 89 7.24 27.66 2.12
C ARG C 89 8.41 28.52 2.54
N GLU C 90 9.11 29.11 1.58
CA GLU C 90 10.30 29.95 1.90
C GLU C 90 10.01 31.24 2.69
N GLY C 91 9.17 32.12 2.15
CA GLY C 91 8.80 33.37 2.84
C GLY C 91 7.81 33.10 3.95
N ASP C 92 7.34 34.17 4.61
CA ASP C 92 6.34 34.04 5.70
C ASP C 92 4.96 34.57 5.30
N SER C 93 4.77 34.89 4.03
CA SER C 93 3.49 35.42 3.56
C SER C 93 2.38 34.40 3.77
N ARG C 94 1.17 34.88 4.05
CA ARG C 94 0.02 33.99 4.27
C ARG C 94 -0.76 33.80 2.96
N GLN C 95 -0.07 33.88 1.81
CA GLN C 95 -0.69 33.64 0.50
C GLN C 95 -1.15 32.22 0.43
N ALA C 96 -2.13 31.93 -0.40
CA ALA C 96 -2.61 30.54 -0.56
C ALA C 96 -1.56 29.62 -1.19
N THR C 97 -0.94 30.07 -2.28
CA THR C 97 0.07 29.26 -2.98
C THR C 97 1.38 29.11 -2.21
N ASN C 98 1.97 27.93 -2.33
CA ASN C 98 3.21 27.61 -1.70
C ASN C 98 4.36 27.77 -2.67
N TYR C 99 5.37 28.51 -2.24
CA TYR C 99 6.57 28.74 -3.03
C TYR C 99 7.71 28.06 -2.29
N SER C 100 8.16 26.93 -2.84
CA SER C 100 9.23 26.12 -2.27
C SER C 100 10.37 25.98 -3.26
N ILE C 101 11.51 25.50 -2.79
CA ILE C 101 12.67 25.30 -3.63
C ILE C 101 13.08 23.85 -3.51
N GLY C 102 13.40 23.22 -4.66
CA GLY C 102 13.82 21.81 -4.69
C GLY C 102 12.83 20.83 -4.05
N GLY C 103 13.37 19.75 -3.48
CA GLY C 103 12.57 18.73 -2.82
C GLY C 103 11.74 17.88 -3.76
N VAL C 104 12.16 17.79 -5.02
CA VAL C 104 11.43 16.99 -6.01
C VAL C 104 12.29 15.81 -6.43
N THR C 105 11.70 14.62 -6.34
CA THR C 105 12.38 13.36 -6.64
C THR C 105 11.47 12.44 -7.42
N LYS C 106 11.99 11.28 -7.83
CA LYS C 106 11.19 10.31 -8.56
C LYS C 106 10.68 9.26 -7.57
N SER C 107 9.40 8.94 -7.62
CA SER C 107 8.82 7.95 -6.70
C SER C 107 9.46 6.59 -6.85
N ASN C 108 9.23 5.71 -5.87
CA ASN C 108 9.78 4.37 -5.91
C ASN C 108 9.25 3.58 -7.12
N SER C 109 10.15 2.85 -7.77
CA SER C 109 9.77 2.05 -8.92
C SER C 109 9.37 0.64 -8.48
N VAL C 110 9.64 0.31 -7.22
CA VAL C 110 9.29 -0.99 -6.65
C VAL C 110 8.34 -0.75 -5.48
N GLN C 111 7.56 -1.77 -5.13
N GLN C 111 7.54 -1.74 -5.13
CA GLN C 111 6.61 -1.68 -4.03
CA GLN C 111 6.62 -1.58 -4.02
C GLN C 111 7.22 -2.41 -2.82
C GLN C 111 7.25 -2.37 -2.86
N TYR C 112 7.51 -1.66 -1.76
CA TYR C 112 8.11 -2.23 -0.57
C TYR C 112 7.02 -2.54 0.50
N ILE C 113 7.15 -3.65 1.23
CA ILE C 113 6.20 -3.98 2.33
C ILE C 113 6.72 -3.48 3.68
N ASP C 114 7.95 -2.99 3.67
CA ASP C 114 8.59 -2.50 4.89
C ASP C 114 9.52 -1.37 4.45
N TYR C 115 10.26 -0.79 5.38
CA TYR C 115 11.20 0.27 5.02
C TYR C 115 12.24 -0.37 4.14
N ILE C 116 12.81 0.41 3.23
CA ILE C 116 13.75 -0.18 2.28
C ILE C 116 15.17 -0.24 2.89
N ASN C 117 15.54 0.72 3.73
CA ASN C 117 16.85 0.76 4.34
C ASN C 117 16.70 1.42 5.69
N THR C 118 17.45 0.94 6.68
CA THR C 118 17.40 1.53 8.03
C THR C 118 18.83 1.74 8.53
N PRO C 119 19.55 2.69 7.91
CA PRO C 119 20.92 2.98 8.32
C PRO C 119 21.04 3.47 9.74
N ILE C 120 22.24 3.35 10.30
CA ILE C 120 22.51 3.78 11.66
C ILE C 120 22.48 5.29 11.75
N LEU C 121 21.97 5.81 12.87
CA LEU C 121 21.91 7.25 13.11
C LEU C 121 22.52 7.58 14.46
N GLU C 122 23.66 8.28 14.44
CA GLU C 122 24.31 8.72 15.69
C GLU C 122 24.04 10.18 15.86
N ILE C 123 23.65 10.57 17.06
CA ILE C 123 23.42 11.96 17.41
C ILE C 123 24.37 12.28 18.53
N LYS C 124 25.48 12.93 18.18
CA LYS C 124 26.48 13.32 19.16
C LYS C 124 26.40 14.79 19.57
N LYS C 125 26.00 15.05 20.81
CA LYS C 125 26.14 16.38 21.34
C LYS C 125 27.63 16.17 21.66
N ASP C 126 28.39 17.18 22.03
CA ASP C 126 29.81 16.90 22.21
C ASP C 126 30.09 15.81 23.30
N ASN C 127 29.55 15.97 24.53
CA ASN C 127 29.78 15.02 25.64
C ASN C 127 28.53 14.43 26.34
N GLU C 128 27.46 14.19 25.60
CA GLU C 128 26.24 13.60 26.17
C GLU C 128 26.01 12.25 25.52
N ASP C 129 25.41 11.32 26.27
CA ASP C 129 25.19 9.95 25.80
C ASP C 129 24.72 9.87 24.36
N VAL C 130 25.32 8.98 23.56
CA VAL C 130 24.93 8.78 22.17
C VAL C 130 23.87 7.68 22.21
N LEU C 131 22.77 7.87 21.47
CA LEU C 131 21.70 6.87 21.42
C LEU C 131 21.81 6.13 20.09
N LYS C 132 21.95 4.82 20.18
CA LYS C 132 22.04 3.97 19.00
C LYS C 132 20.67 3.98 18.42
N ASP C 133 20.51 4.59 17.24
CA ASP C 133 19.20 4.67 16.64
C ASP C 133 19.38 4.54 15.15
N PHE C 134 18.28 4.55 14.41
CA PHE C 134 18.33 4.42 12.98
C PHE C 134 17.47 5.48 12.31
N TYR C 135 17.74 5.71 11.02
CA TYR C 135 16.97 6.64 10.20
C TYR C 135 16.19 5.70 9.28
N TYR C 136 14.88 5.89 9.17
CA TYR C 136 14.04 4.98 8.39
C TYR C 136 13.75 5.48 6.98
N ILE C 137 14.38 4.81 6.00
CA ILE C 137 14.25 5.14 4.59
C ILE C 137 13.09 4.43 3.91
N SER C 138 12.20 5.24 3.31
CA SER C 138 11.03 4.73 2.58
C SER C 138 11.07 5.25 1.15
N LYS C 139 12.25 5.69 0.70
CA LYS C 139 12.41 6.25 -0.64
C LYS C 139 13.70 5.88 -1.37
N GLU C 140 13.57 5.48 -2.63
CA GLU C 140 14.72 5.11 -3.45
C GLU C 140 15.54 6.34 -3.80
N ASP C 141 14.83 7.40 -4.15
CA ASP C 141 15.44 8.67 -4.52
C ASP C 141 15.01 9.69 -3.47
N ILE C 142 15.96 10.14 -2.68
CA ILE C 142 15.66 11.06 -1.59
C ILE C 142 16.47 12.36 -1.72
N SER C 143 15.77 13.49 -1.58
CA SER C 143 16.38 14.82 -1.71
C SER C 143 17.09 15.27 -0.45
N LEU C 144 18.19 15.99 -0.61
CA LEU C 144 18.93 16.51 0.55
C LEU C 144 18.00 17.36 1.40
N LYS C 145 17.08 18.05 0.75
CA LYS C 145 16.12 18.90 1.44
C LYS C 145 15.39 18.13 2.52
N GLU C 146 14.98 16.91 2.21
CA GLU C 146 14.24 16.09 3.16
C GLU C 146 15.14 15.62 4.30
N LEU C 147 16.28 15.05 3.97
CA LEU C 147 17.21 14.58 5.00
C LEU C 147 17.56 15.74 5.91
N ASP C 148 18.08 16.81 5.32
CA ASP C 148 18.42 18.02 6.08
C ASP C 148 17.30 18.41 7.05
N TYR C 149 16.07 18.51 6.55
CA TYR C 149 14.95 18.92 7.37
C TYR C 149 14.61 17.90 8.45
N ARG C 150 14.45 16.63 8.06
CA ARG C 150 14.08 15.58 9.01
C ARG C 150 15.09 15.34 10.12
N LEU C 151 16.37 15.50 9.79
CA LEU C 151 17.44 15.33 10.77
C LEU C 151 17.40 16.49 11.76
N ARG C 152 17.33 17.71 11.27
CA ARG C 152 17.28 18.87 12.16
C ARG C 152 15.98 18.86 12.98
N GLU C 153 14.87 18.38 12.41
CA GLU C 153 13.61 18.27 13.16
C GLU C 153 13.88 17.48 14.44
N ARG C 154 14.51 16.32 14.26
CA ARG C 154 14.87 15.44 15.37
C ARG C 154 15.80 16.13 16.35
N ALA C 155 16.86 16.76 15.83
CA ALA C 155 17.84 17.47 16.65
C ALA C 155 17.21 18.57 17.52
N ILE C 156 16.27 19.31 16.94
CA ILE C 156 15.57 20.38 17.64
C ILE C 156 14.59 19.84 18.67
N LYS C 157 13.73 18.91 18.25
CA LYS C 157 12.73 18.38 19.18
C LYS C 157 13.26 17.60 20.39
N GLN C 158 14.35 16.87 20.20
CA GLN C 158 14.87 16.03 21.26
C GLN C 158 16.29 16.28 21.73
N HIS C 159 17.01 17.21 21.12
CA HIS C 159 18.39 17.44 21.54
C HIS C 159 18.76 18.90 21.64
N GLY C 160 17.75 19.74 21.81
CA GLY C 160 17.93 21.18 21.95
C GLY C 160 18.71 21.95 20.91
N LEU C 161 18.61 21.58 19.64
CA LEU C 161 19.30 22.32 18.59
C LEU C 161 18.59 23.64 18.37
N TYR C 162 19.39 24.68 18.11
CA TYR C 162 18.89 26.05 17.90
C TYR C 162 18.10 26.56 19.11
N SER C 163 18.63 26.28 20.30
CA SER C 163 18.00 26.67 21.54
C SER C 163 19.11 26.75 22.59
N ASN C 164 19.09 27.80 23.40
CA ASN C 164 20.11 28.01 24.44
C ASN C 164 21.52 28.17 23.86
N GLY C 165 21.62 28.82 22.71
CA GLY C 165 22.92 29.06 22.06
C GLY C 165 23.51 27.91 21.23
N LEU C 166 22.90 26.73 21.28
CA LEU C 166 23.41 25.57 20.53
C LEU C 166 23.02 25.73 19.06
N LYS C 167 23.97 26.20 18.25
N LYS C 167 23.97 26.19 18.27
CA LYS C 167 23.73 26.44 16.83
CA LYS C 167 23.74 26.45 16.84
C LYS C 167 24.78 25.85 15.88
C LYS C 167 24.77 25.85 15.89
N GLN C 168 26.00 25.63 16.37
CA GLN C 168 27.07 25.09 15.51
C GLN C 168 26.96 23.56 15.36
N GLY C 169 27.63 22.99 14.35
CA GLY C 169 27.61 21.54 14.10
C GLY C 169 27.63 21.10 12.64
N GLN C 170 27.67 19.79 12.40
CA GLN C 170 27.67 19.25 11.01
C GLN C 170 26.99 17.86 10.88
N ILE C 171 26.30 17.69 9.76
CA ILE C 171 25.62 16.43 9.43
C ILE C 171 26.51 15.72 8.42
N THR C 172 26.76 14.44 8.64
CA THR C 172 27.59 13.64 7.72
C THR C 172 26.84 12.37 7.33
N ILE C 173 26.50 12.27 6.04
CA ILE C 173 25.78 11.13 5.50
C ILE C 173 26.79 10.31 4.73
N THR C 174 27.02 9.07 5.15
CA THR C 174 27.98 8.20 4.47
C THR C 174 27.27 7.14 3.63
N MET C 175 27.75 6.97 2.39
CA MET C 175 27.19 6.01 1.42
C MET C 175 28.01 4.70 1.41
N ASN C 176 27.48 3.67 0.76
CA ASN C 176 28.16 2.38 0.69
C ASN C 176 29.41 2.43 -0.15
N ASP C 177 29.48 3.35 -1.11
CA ASP C 177 30.68 3.47 -1.94
C ASP C 177 31.75 4.33 -1.25
N GLY C 178 31.43 4.84 -0.05
CA GLY C 178 32.37 5.65 0.74
C GLY C 178 32.26 7.15 0.60
N THR C 179 31.46 7.62 -0.35
CA THR C 179 31.30 9.06 -0.54
C THR C 179 30.51 9.62 0.63
N THR C 180 30.72 10.89 0.94
CA THR C 180 30.02 11.53 2.05
C THR C 180 29.41 12.84 1.63
N HIS C 181 28.29 13.17 2.25
CA HIS C 181 27.58 14.42 2.00
C HIS C 181 27.55 15.16 3.33
N THR C 182 28.19 16.31 3.37
CA THR C 182 28.26 17.13 4.59
C THR C 182 27.35 18.34 4.58
N ILE C 183 26.67 18.60 5.70
CA ILE C 183 25.78 19.76 5.83
C ILE C 183 26.05 20.53 7.12
N ASP C 184 26.53 21.76 6.99
CA ASP C 184 26.81 22.62 8.13
C ASP C 184 25.49 23.06 8.79
N LEU C 185 25.40 22.91 10.10
CA LEU C 185 24.20 23.28 10.86
C LEU C 185 24.11 24.79 11.24
N SER C 186 25.23 25.51 11.16
CA SER C 186 25.23 26.94 11.50
C SER C 186 24.44 27.75 10.49
N GLN C 187 24.15 27.13 9.35
CA GLN C 187 23.37 27.77 8.29
C GLN C 187 22.40 26.80 7.63
N LYS C 188 21.35 27.39 7.09
CA LYS C 188 20.30 26.70 6.40
C LYS C 188 20.93 26.02 5.17
N LEU C 189 20.39 24.87 4.78
CA LEU C 189 20.90 24.13 3.62
C LEU C 189 20.97 25.07 2.43
N GLU C 190 22.15 25.23 1.85
CA GLU C 190 22.33 26.11 0.71
C GLU C 190 21.31 25.69 -0.37
N LYS C 191 20.62 26.67 -0.94
CA LYS C 191 19.55 26.45 -1.94
C LYS C 191 19.91 25.50 -3.06
N GLU C 192 20.99 25.81 -3.77
CA GLU C 192 21.43 25.00 -4.91
C GLU C 192 21.50 23.49 -4.60
N ARG C 193 21.47 23.13 -3.32
CA ARG C 193 21.50 21.72 -2.94
C ARG C 193 20.14 21.11 -2.61
N MET C 194 19.14 21.93 -2.31
CA MET C 194 17.80 21.42 -1.97
C MET C 194 17.23 20.52 -3.06
N GLY C 195 17.65 20.77 -4.31
CA GLY C 195 17.21 19.99 -5.47
C GLY C 195 17.95 18.66 -5.65
N GLU C 196 19.19 18.57 -5.16
CA GLU C 196 19.96 17.32 -5.26
C GLU C 196 19.25 16.19 -4.55
N SER C 197 19.60 14.97 -4.94
CA SER C 197 19.05 13.78 -4.33
C SER C 197 20.10 12.71 -4.33
N ILE C 198 19.90 11.73 -3.45
CA ILE C 198 20.85 10.63 -3.32
C ILE C 198 20.11 9.29 -3.31
N ASP C 199 20.83 8.23 -3.64
CA ASP C 199 20.26 6.90 -3.67
C ASP C 199 20.01 6.41 -2.25
N GLY C 200 18.77 6.52 -1.81
CA GLY C 200 18.36 6.11 -0.46
C GLY C 200 18.65 4.68 -0.06
N THR C 201 18.87 3.80 -1.05
CA THR C 201 19.21 2.41 -0.77
C THR C 201 20.68 2.24 -0.44
N LYS C 202 21.53 3.15 -0.92
CA LYS C 202 22.98 3.07 -0.71
C LYS C 202 23.46 3.79 0.57
N ILE C 203 22.58 4.45 1.30
CA ILE C 203 23.02 5.19 2.49
C ILE C 203 23.44 4.22 3.59
N ASN C 204 24.70 4.34 4.03
CA ASN C 204 25.25 3.45 5.05
C ASN C 204 25.00 3.93 6.48
N LYS C 205 25.31 5.20 6.75
CA LYS C 205 25.10 5.73 8.09
C LYS C 205 25.00 7.25 8.08
N ILE C 206 24.28 7.79 9.09
CA ILE C 206 24.10 9.23 9.26
C ILE C 206 24.62 9.64 10.63
N LEU C 207 25.40 10.70 10.64
CA LEU C 207 26.00 11.25 11.84
C LEU C 207 25.57 12.68 11.99
N VAL C 208 25.13 13.04 13.18
CA VAL C 208 24.70 14.40 13.47
C VAL C 208 25.47 14.88 14.69
N GLU C 209 26.45 15.75 14.46
CA GLU C 209 27.26 16.34 15.53
C GLU C 209 26.80 17.76 15.79
N MET C 210 26.69 18.13 17.06
CA MET C 210 26.33 19.48 17.45
C MET C 210 27.47 19.94 18.33
N LYS C 211 27.82 21.22 18.28
CA LYS C 211 28.92 21.70 19.09
C LYS C 211 28.78 23.20 19.36
CL CL D . 20.98 30.50 7.23
CL CL E . 7.32 21.34 16.11
CL CL F . 4.75 6.74 2.92
#